data_3L8U
#
_entry.id   3L8U
#
_cell.length_a   82.277
_cell.length_b   82.277
_cell.length_c   70.992
_cell.angle_alpha   90.00
_cell.angle_beta   90.00
_cell.angle_gamma   90.00
#
_symmetry.space_group_name_H-M   'P 43'
#
loop_
_entity.id
_entity.type
_entity.pdbx_description
1 polymer 'Putative rRNA methylase'
2 water water
#
_entity_poly.entity_id   1
_entity_poly.type   'polypeptide(L)'
_entity_poly.pdbx_seq_one_letter_code
;MNIEQLEKENKLLTLGRNHVVLFQPQIPANTGNIARTCAATNTSLHIIRPMGFPIDDKKMKRAGLDYWDKLDVHFYDSLN
DFMNICSGKLHLITKFANKTYSDENYDDSEHHYFLFGREDKGLPEEFMRQHSEKALRIPVNDQHVRSLNLSNTVCMIVYE
ALRQQDFIGLELSHTYAVDKLK
;
_entity_poly.pdbx_strand_id   A,B
#
# COMPACT_ATOMS: atom_id res chain seq x y z
N LEU A 15 -24.42 -9.44 -4.03
CA LEU A 15 -23.55 -9.57 -2.82
C LEU A 15 -22.40 -8.54 -2.78
N GLY A 16 -22.37 -7.74 -1.71
CA GLY A 16 -21.40 -6.64 -1.54
C GLY A 16 -19.93 -6.99 -1.61
N ARG A 17 -19.21 -6.22 -2.42
CA ARG A 17 -17.77 -6.39 -2.60
C ARG A 17 -17.04 -5.06 -2.80
N ASN A 18 -15.72 -5.13 -2.91
CA ASN A 18 -14.92 -3.91 -3.09
C ASN A 18 -14.52 -3.71 -4.54
N HIS A 19 -14.46 -2.44 -4.95
CA HIS A 19 -14.19 -2.08 -6.35
C HIS A 19 -13.16 -0.95 -6.35
N VAL A 20 -12.24 -0.98 -7.29
CA VAL A 20 -11.24 0.11 -7.44
C VAL A 20 -11.62 0.81 -8.74
N VAL A 21 -11.68 2.14 -8.73
CA VAL A 21 -12.05 2.89 -9.96
C VAL A 21 -10.92 3.87 -10.23
N LEU A 22 -10.27 3.73 -11.38
CA LEU A 22 -9.16 4.59 -11.75
C LEU A 22 -9.64 5.60 -12.79
N PHE A 23 -9.52 6.87 -12.50
CA PHE A 23 -9.90 7.89 -13.50
C PHE A 23 -8.70 8.18 -14.39
N GLN A 24 -8.80 7.87 -15.69
CA GLN A 24 -7.74 8.13 -16.66
C GLN A 24 -6.31 7.83 -16.17
N PRO A 25 -6.03 6.56 -15.73
CA PRO A 25 -4.72 6.17 -15.17
C PRO A 25 -3.64 6.54 -16.19
N GLN A 26 -2.50 7.10 -15.76
CA GLN A 26 -1.54 7.67 -16.71
C GLN A 26 -0.26 6.88 -16.80
N ILE A 27 0.07 6.12 -15.76
CA ILE A 27 1.34 5.40 -15.71
C ILE A 27 1.13 3.89 -15.77
N PRO A 28 1.72 3.22 -16.79
CA PRO A 28 1.56 1.78 -16.97
C PRO A 28 1.93 0.97 -15.72
N ALA A 29 3.11 1.20 -15.13
CA ALA A 29 3.54 0.42 -13.96
C ALA A 29 2.56 0.51 -12.79
N ASN A 30 1.96 1.69 -12.56
CA ASN A 30 0.92 1.82 -11.48
C ASN A 30 -0.28 0.97 -11.81
N THR A 31 -0.69 0.94 -13.09
CA THR A 31 -1.88 0.18 -13.46
C THR A 31 -1.63 -1.32 -13.34
N GLY A 32 -0.44 -1.79 -13.71
CA GLY A 32 -0.09 -3.20 -13.55
C GLY A 32 -0.01 -3.67 -12.11
N ASN A 33 0.50 -2.82 -11.23
CA ASN A 33 0.49 -3.15 -9.80
C ASN A 33 -0.91 -3.20 -9.20
N ILE A 34 -1.76 -2.26 -9.62
CA ILE A 34 -3.18 -2.22 -9.22
C ILE A 34 -3.94 -3.49 -9.65
N ALA A 35 -3.72 -3.93 -10.88
CA ALA A 35 -4.28 -5.17 -11.36
C ALA A 35 -3.88 -6.34 -10.49
N ARG A 36 -2.61 -6.39 -10.11
CA ARG A 36 -2.11 -7.42 -9.22
C ARG A 36 -2.73 -7.41 -7.81
N THR A 37 -2.90 -6.21 -7.25
CA THR A 37 -3.56 -6.08 -5.97
C THR A 37 -5.02 -6.55 -6.11
N CYS A 38 -5.70 -6.10 -7.15
CA CYS A 38 -7.09 -6.57 -7.40
C CYS A 38 -7.21 -8.10 -7.50
N ALA A 39 -6.32 -8.73 -8.27
CA ALA A 39 -6.30 -10.18 -8.41
C ALA A 39 -6.07 -10.82 -7.06
N ALA A 40 -5.19 -10.26 -6.22
CA ALA A 40 -4.84 -10.87 -4.91
C ALA A 40 -5.98 -10.78 -3.92
N THR A 41 -6.87 -9.80 -4.16
CA THR A 41 -7.89 -9.44 -3.17
C THR A 41 -9.36 -9.67 -3.58
N ASN A 42 -9.59 -10.17 -4.81
CA ASN A 42 -10.95 -10.35 -5.33
C ASN A 42 -11.66 -8.99 -5.44
N THR A 43 -10.91 -7.94 -5.76
CA THR A 43 -11.44 -6.60 -5.97
C THR A 43 -11.70 -6.44 -7.47
N SER A 44 -12.86 -5.90 -7.83
CA SER A 44 -13.14 -5.56 -9.23
C SER A 44 -12.43 -4.29 -9.62
N LEU A 45 -12.02 -4.18 -10.88
CA LEU A 45 -11.33 -3.01 -11.32
C LEU A 45 -12.14 -2.28 -12.40
N HIS A 46 -12.25 -0.97 -12.24
CA HIS A 46 -13.04 -0.15 -13.17
C HIS A 46 -12.13 0.97 -13.65
N ILE A 47 -12.18 1.26 -14.94
CA ILE A 47 -11.27 2.25 -15.52
C ILE A 47 -12.08 3.21 -16.38
N ILE A 48 -11.87 4.50 -16.16
CA ILE A 48 -12.53 5.54 -16.98
C ILE A 48 -11.57 5.96 -18.10
N ARG A 49 -11.99 5.78 -19.36
CA ARG A 49 -11.15 6.00 -20.54
C ARG A 49 -11.08 7.57 -20.67
N PRO A 50 -10.01 8.11 -21.29
CA PRO A 50 -8.89 7.30 -21.77
C PRO A 50 -7.71 7.16 -20.81
N MET A 51 -7.06 6.00 -20.89
CA MET A 51 -5.82 5.82 -20.17
C MET A 51 -4.73 6.66 -20.84
N GLY A 52 -3.70 7.00 -20.11
CA GLY A 52 -2.62 7.80 -20.65
C GLY A 52 -1.54 7.02 -21.36
N PHE A 53 -1.76 5.71 -21.56
CA PHE A 53 -0.76 4.85 -22.15
C PHE A 53 -1.38 3.79 -23.06
N PRO A 54 -0.66 3.36 -24.10
CA PRO A 54 -1.12 2.27 -24.95
C PRO A 54 -1.06 0.92 -24.23
N ILE A 55 -2.06 0.08 -24.51
CA ILE A 55 -2.13 -1.27 -23.95
C ILE A 55 -1.33 -2.19 -24.85
N ASP A 56 -0.19 -2.63 -24.36
CA ASP A 56 0.74 -3.39 -25.16
C ASP A 56 0.68 -4.86 -24.75
N ASP A 57 0.10 -5.65 -25.65
CA ASP A 57 -0.10 -7.09 -25.51
C ASP A 57 1.13 -7.84 -25.00
N LYS A 58 2.24 -7.71 -25.73
CA LYS A 58 3.51 -8.34 -25.40
C LYS A 58 4.09 -7.92 -24.05
N LYS A 59 4.14 -6.61 -23.78
CA LYS A 59 4.56 -6.11 -22.46
C LYS A 59 3.67 -6.66 -21.36
N MET A 60 2.35 -6.69 -21.64
CA MET A 60 1.34 -7.46 -20.87
C MET A 60 0.41 -6.58 -20.06
N TYR A 67 -1.31 -11.54 -16.93
CA TYR A 67 -1.67 -12.80 -17.60
C TYR A 67 -2.98 -13.44 -17.08
N TRP A 68 -3.64 -12.77 -16.15
CA TRP A 68 -4.86 -13.28 -15.50
C TRP A 68 -6.09 -12.39 -15.81
N ASP A 69 -5.92 -11.44 -16.73
CA ASP A 69 -6.98 -10.51 -17.19
C ASP A 69 -8.41 -11.09 -17.20
N LEU A 71 -8.99 -11.45 -13.84
CA LEU A 71 -9.65 -10.51 -12.95
C LEU A 71 -10.86 -9.83 -13.60
N ASP A 72 -11.71 -9.21 -12.77
CA ASP A 72 -12.97 -8.62 -13.20
C ASP A 72 -12.83 -7.13 -13.59
N VAL A 73 -12.65 -6.82 -14.89
CA VAL A 73 -12.35 -5.46 -15.32
C VAL A 73 -13.43 -4.84 -16.19
N HIS A 74 -13.73 -3.57 -15.93
CA HIS A 74 -14.79 -2.86 -16.63
C HIS A 74 -14.24 -1.53 -17.10
N PHE A 75 -14.65 -1.11 -18.30
CA PHE A 75 -14.26 0.17 -18.85
C PHE A 75 -15.47 1.08 -19.04
N TYR A 76 -15.22 2.39 -18.96
CA TYR A 76 -16.27 3.42 -19.11
C TYR A 76 -15.71 4.58 -19.92
N ASP A 77 -16.61 5.17 -20.73
CA ASP A 77 -16.28 6.30 -21.57
C ASP A 77 -15.99 7.55 -20.75
N SER A 78 -16.55 7.60 -19.53
CA SER A 78 -16.56 8.83 -18.75
C SER A 78 -17.00 8.57 -17.32
N LEU A 79 -16.75 9.54 -16.45
CA LEU A 79 -17.18 9.47 -15.05
C LEU A 79 -18.72 9.39 -14.96
N ASN A 80 -19.41 10.23 -15.72
CA ASN A 80 -20.86 10.14 -15.83
C ASN A 80 -21.38 8.75 -16.18
N ASP A 81 -20.66 8.08 -17.09
CA ASP A 81 -20.99 6.73 -17.56
C ASP A 81 -20.90 5.72 -16.41
N PHE A 82 -19.78 5.78 -15.69
CA PHE A 82 -19.57 4.93 -14.52
C PHE A 82 -20.64 5.20 -13.43
N MET A 83 -20.97 6.48 -13.23
CA MET A 83 -21.99 6.89 -12.25
C MET A 83 -23.43 6.44 -12.52
N ASN A 84 -23.79 6.21 -13.80
CA ASN A 84 -25.10 5.63 -14.16
C ASN A 84 -25.15 4.14 -13.84
N ILE A 85 -23.99 3.50 -13.84
CA ILE A 85 -23.88 2.06 -13.60
C ILE A 85 -23.44 1.72 -12.15
N CYS A 86 -22.77 2.66 -11.44
CA CYS A 86 -22.34 2.49 -10.01
C CYS A 86 -23.55 2.30 -9.12
N SER A 87 -23.54 1.25 -8.32
CA SER A 87 -24.53 1.06 -7.29
C SER A 87 -23.86 0.63 -6.01
N GLY A 88 -23.96 1.47 -4.98
CA GLY A 88 -23.45 1.14 -3.66
C GLY A 88 -22.92 2.39 -2.97
N LYS A 89 -21.81 2.25 -2.24
CA LYS A 89 -21.18 3.40 -1.58
C LYS A 89 -19.94 3.83 -2.33
N LEU A 90 -19.85 5.10 -2.64
CA LEU A 90 -18.72 5.60 -3.40
C LEU A 90 -17.82 6.41 -2.46
N HIS A 91 -16.51 6.19 -2.55
CA HIS A 91 -15.51 6.92 -1.72
C HIS A 91 -14.50 7.55 -2.64
N LEU A 92 -14.33 8.87 -2.53
CA LEU A 92 -13.37 9.56 -3.38
C LEU A 92 -12.07 9.64 -2.60
N ILE A 93 -10.97 9.18 -3.17
CA ILE A 93 -9.69 9.30 -2.46
C ILE A 93 -8.97 10.57 -2.89
N THR A 94 -8.87 11.58 -2.01
CA THR A 94 -8.28 12.85 -2.41
C THR A 94 -7.30 13.38 -1.38
N LYS A 95 -6.53 14.42 -1.70
CA LYS A 95 -5.55 14.94 -0.74
C LYS A 95 -6.19 15.79 0.34
N PHE A 96 -7.32 16.41 0.02
CA PHE A 96 -7.80 17.45 0.90
C PHE A 96 -9.12 17.19 1.59
N ALA A 97 -9.55 15.94 1.58
CA ALA A 97 -10.78 15.59 2.29
C ALA A 97 -10.63 15.80 3.78
N ASN A 98 -11.68 16.29 4.45
CA ASN A 98 -11.73 16.39 5.89
C ASN A 98 -12.20 15.11 6.60
N LYS A 99 -11.74 13.94 6.16
CA LYS A 99 -12.04 12.67 6.84
C LYS A 99 -10.93 11.73 6.45
N THR A 100 -10.51 10.91 7.39
CA THR A 100 -9.41 9.96 7.18
C THR A 100 -9.98 8.61 6.70
N TYR A 101 -9.34 8.03 5.70
CA TYR A 101 -9.72 6.76 5.08
C TYR A 101 -10.12 5.71 6.11
N SER A 102 -9.37 5.57 7.18
CA SER A 102 -9.63 4.57 8.17
C SER A 102 -10.72 4.87 9.16
N ASP A 103 -11.27 6.06 9.12
CA ASP A 103 -12.38 6.41 9.97
C ASP A 103 -13.73 6.18 9.33
N GLU A 104 -13.76 5.93 8.03
CA GLU A 104 -14.94 5.48 7.32
C GLU A 104 -15.23 4.02 7.70
N ASN A 105 -16.52 3.68 7.82
CA ASN A 105 -16.93 2.34 8.17
C ASN A 105 -17.22 1.52 6.89
N TYR A 106 -16.45 0.44 6.67
CA TYR A 106 -16.60 -0.45 5.51
C TYR A 106 -17.25 -1.80 5.91
N ASP A 107 -17.54 -1.94 7.20
CA ASP A 107 -18.07 -3.18 7.81
C ASP A 107 -19.61 -3.29 7.58
N ASP A 108 -19.99 -3.49 6.33
CA ASP A 108 -21.39 -3.67 6.03
C ASP A 108 -21.50 -4.64 4.85
N SER A 109 -22.67 -4.73 4.24
CA SER A 109 -22.86 -5.62 3.11
C SER A 109 -22.98 -4.85 1.79
N GLU A 110 -22.54 -3.60 1.80
CA GLU A 110 -22.62 -2.76 0.60
C GLU A 110 -21.47 -3.04 -0.34
N HIS A 111 -21.71 -2.75 -1.61
CA HIS A 111 -20.60 -2.53 -2.53
C HIS A 111 -19.86 -1.23 -2.15
N HIS A 112 -18.54 -1.31 -2.07
CA HIS A 112 -17.74 -0.11 -1.86
C HIS A 112 -16.89 0.19 -3.09
N TYR A 113 -17.08 1.39 -3.65
CA TYR A 113 -16.26 1.83 -4.76
C TYR A 113 -15.28 2.90 -4.31
N PHE A 114 -14.01 2.67 -4.58
CA PHE A 114 -12.93 3.57 -4.21
C PHE A 114 -12.39 4.22 -5.51
N LEU A 115 -12.67 5.51 -5.68
CA LEU A 115 -12.33 6.24 -6.91
C LEU A 115 -11.05 7.09 -6.66
N PHE A 116 -10.07 6.92 -7.53
CA PHE A 116 -8.74 7.56 -7.50
C PHE A 116 -8.48 8.41 -8.72
N GLY A 117 -7.99 9.63 -8.52
CA GLY A 117 -7.67 10.52 -9.62
C GLY A 117 -6.45 10.11 -10.42
N ARG A 118 -6.18 10.87 -11.49
CA ARG A 118 -4.96 10.74 -12.30
C ARG A 118 -3.75 11.09 -11.44
N GLU A 119 -2.62 10.47 -11.75
CA GLU A 119 -1.36 10.70 -11.05
C GLU A 119 -0.94 12.20 -11.08
N ASP A 120 -1.15 12.81 -12.23
CA ASP A 120 -0.74 14.17 -12.47
C ASP A 120 -1.80 15.24 -12.09
N LYS A 121 -3.09 14.92 -12.20
CA LYS A 121 -4.13 15.95 -12.12
C LYS A 121 -5.20 15.69 -11.06
N GLY A 122 -5.25 14.49 -10.50
CA GLY A 122 -6.35 14.14 -9.59
C GLY A 122 -7.69 13.93 -10.31
N LEU A 123 -8.77 14.26 -9.60
CA LEU A 123 -10.14 14.12 -10.15
C LEU A 123 -10.63 15.47 -10.58
N PRO A 124 -11.59 15.56 -11.56
CA PRO A 124 -12.07 16.89 -11.97
C PRO A 124 -12.61 17.64 -10.78
N GLU A 125 -12.30 18.94 -10.69
CA GLU A 125 -12.63 19.69 -9.48
C GLU A 125 -14.15 19.86 -9.29
N GLU A 126 -14.90 19.89 -10.40
CA GLU A 126 -16.38 19.96 -10.35
C GLU A 126 -16.97 18.70 -9.74
N PHE A 127 -16.48 17.55 -10.19
CA PHE A 127 -16.87 16.25 -9.62
C PHE A 127 -16.53 16.18 -8.14
N MET A 128 -15.35 16.68 -7.77
CA MET A 128 -14.94 16.65 -6.37
C MET A 128 -15.87 17.49 -5.50
N ARG A 129 -16.38 18.58 -6.07
CA ARG A 129 -17.28 19.51 -5.40
C ARG A 129 -18.66 18.88 -5.20
N GLN A 130 -19.19 18.32 -6.28
CA GLN A 130 -20.48 17.66 -6.18
C GLN A 130 -20.44 16.53 -5.14
N HIS A 131 -19.29 15.87 -5.04
CA HIS A 131 -19.16 14.67 -4.21
C HIS A 131 -18.27 14.82 -2.96
N SER A 132 -18.08 16.06 -2.52
CA SER A 132 -17.11 16.34 -1.47
C SER A 132 -17.37 15.58 -0.17
N GLU A 133 -18.65 15.33 0.16
CA GLU A 133 -18.96 14.56 1.38
C GLU A 133 -18.55 13.10 1.28
N LYS A 134 -18.15 12.67 0.06
CA LYS A 134 -17.74 11.28 -0.13
C LYS A 134 -16.20 11.11 -0.07
N ALA A 135 -15.47 12.23 0.05
CA ALA A 135 -13.99 12.22 -0.06
C ALA A 135 -13.33 11.79 1.23
N LEU A 136 -12.23 11.06 1.11
CA LEU A 136 -11.45 10.59 2.24
C LEU A 136 -9.98 10.83 1.89
N ARG A 137 -9.13 11.14 2.87
CA ARG A 137 -7.69 11.26 2.61
C ARG A 137 -6.87 10.21 3.34
N ILE A 138 -5.69 9.99 2.80
CA ILE A 138 -4.65 9.31 3.54
C ILE A 138 -3.73 10.38 4.12
N PRO A 139 -3.72 10.55 5.44
CA PRO A 139 -2.86 11.59 5.97
C PRO A 139 -1.38 11.38 5.64
N VAL A 140 -0.69 12.48 5.34
CA VAL A 140 0.76 12.48 5.13
C VAL A 140 1.35 13.66 5.84
N ASN A 141 2.64 13.61 6.12
CA ASN A 141 3.33 14.83 6.56
C ASN A 141 3.86 15.42 5.23
N ASP A 142 3.42 16.64 4.86
CA ASP A 142 3.77 17.18 3.51
C ASP A 142 5.15 17.94 3.38
N GLN A 143 6.01 17.76 4.38
CA GLN A 143 7.30 18.43 4.46
C GLN A 143 8.21 18.12 3.28
N HIS A 144 8.29 16.84 2.88
CA HIS A 144 9.26 16.43 1.83
C HIS A 144 8.59 15.99 0.52
N VAL A 145 7.45 15.29 0.64
CA VAL A 145 6.61 14.90 -0.53
C VAL A 145 5.15 15.26 -0.21
N ARG A 146 4.34 15.55 -1.22
CA ARG A 146 2.93 15.90 -0.99
C ARG A 146 1.97 14.74 -1.17
N SER A 147 2.48 13.61 -1.66
CA SER A 147 1.62 12.49 -2.03
C SER A 147 2.37 11.13 -2.02
N LEU A 148 1.59 10.06 -1.93
CA LEU A 148 2.09 8.73 -2.02
C LEU A 148 1.87 8.25 -3.46
N ASN A 149 2.66 7.28 -3.88
CA ASN A 149 2.46 6.65 -5.19
C ASN A 149 1.04 6.07 -5.29
N LEU A 150 0.42 6.21 -6.46
CA LEU A 150 -0.96 5.79 -6.67
C LEU A 150 -1.22 4.31 -6.36
N SER A 151 -0.40 3.40 -6.92
CA SER A 151 -0.71 2.01 -6.63
C SER A 151 -0.53 1.67 -5.14
N ASN A 152 0.38 2.36 -4.45
CA ASN A 152 0.55 2.18 -3.00
C ASN A 152 -0.74 2.55 -2.31
N THR A 153 -1.36 3.67 -2.73
CA THR A 153 -2.60 4.17 -2.09
C THR A 153 -3.75 3.16 -2.36
N VAL A 154 -3.79 2.58 -3.55
CA VAL A 154 -4.87 1.63 -3.84
C VAL A 154 -4.75 0.43 -2.92
N CYS A 155 -3.52 -0.08 -2.78
CA CYS A 155 -3.34 -1.31 -2.03
C CYS A 155 -3.79 -1.05 -0.59
N MET A 156 -3.30 0.04 0.02
CA MET A 156 -3.64 0.26 1.41
C MET A 156 -5.15 0.55 1.65
N ILE A 157 -5.77 1.29 0.74
CA ILE A 157 -7.18 1.58 0.84
C ILE A 157 -8.01 0.27 0.73
N VAL A 158 -7.64 -0.61 -0.19
CA VAL A 158 -8.35 -1.86 -0.39
C VAL A 158 -8.14 -2.69 0.89
N TYR A 159 -6.92 -2.74 1.44
CA TYR A 159 -6.70 -3.59 2.60
C TYR A 159 -7.30 -3.04 3.91
N GLU A 160 -7.44 -1.72 3.99
CA GLU A 160 -8.19 -1.15 5.12
C GLU A 160 -9.67 -1.57 5.07
N ALA A 161 -10.31 -1.48 3.89
CA ALA A 161 -11.67 -2.05 3.72
C ALA A 161 -11.72 -3.56 4.13
N LEU A 162 -10.79 -4.36 3.60
CA LEU A 162 -10.72 -5.78 3.97
C LEU A 162 -10.57 -5.97 5.46
N ARG A 163 -9.68 -5.19 6.07
CA ARG A 163 -9.47 -5.32 7.51
C ARG A 163 -10.81 -5.16 8.27
N GLN A 164 -11.53 -4.09 7.96
CA GLN A 164 -12.79 -3.84 8.65
C GLN A 164 -13.84 -4.94 8.32
N GLN A 165 -13.70 -5.54 7.13
CA GLN A 165 -14.63 -6.61 6.71
C GLN A 165 -14.16 -7.99 7.14
N ASP A 166 -13.14 -8.08 8.02
CA ASP A 166 -12.63 -9.37 8.53
C ASP A 166 -12.05 -10.24 7.39
N PHE A 167 -11.57 -9.56 6.32
CA PHE A 167 -10.95 -10.21 5.16
C PHE A 167 -11.91 -11.16 4.43
N ILE A 168 -13.21 -10.98 4.61
CA ILE A 168 -14.13 -11.97 4.05
C ILE A 168 -14.05 -12.04 2.51
N GLY A 169 -13.72 -10.92 1.82
CA GLY A 169 -13.69 -10.90 0.35
C GLY A 169 -12.69 -11.90 -0.23
N LEU A 170 -11.68 -12.25 0.55
CA LEU A 170 -10.65 -13.21 0.14
C LEU A 170 -11.18 -14.60 -0.02
N GLU A 171 -12.28 -14.90 0.66
CA GLU A 171 -12.80 -16.27 0.75
C GLU A 171 -13.87 -16.50 -0.30
N LEU A 172 -14.28 -15.44 -0.99
CA LEU A 172 -15.49 -15.46 -1.81
C LEU A 172 -15.23 -15.43 -3.35
N SER A 173 -14.09 -15.94 -3.84
CA SER A 173 -13.79 -15.92 -5.30
C SER A 173 -14.91 -16.54 -6.19
N HIS A 174 -15.30 -17.78 -5.85
CA HIS A 174 -16.29 -18.52 -6.63
C HIS A 174 -17.65 -17.83 -6.58
N THR A 175 -18.04 -17.29 -5.42
CA THR A 175 -19.40 -16.72 -5.29
C THR A 175 -19.51 -15.34 -5.96
N LEU B 15 12.54 7.92 21.83
CA LEU B 15 11.06 7.99 21.54
C LEU B 15 10.65 7.09 20.39
N GLY B 16 9.69 6.20 20.64
CA GLY B 16 9.16 5.25 19.65
C GLY B 16 8.82 5.79 18.27
N ARG B 17 9.27 5.05 17.25
CA ARG B 17 9.26 5.44 15.85
C ARG B 17 8.96 4.19 15.04
N ASN B 18 8.45 4.36 13.82
CA ASN B 18 8.39 3.22 12.90
C ASN B 18 9.58 3.19 11.95
N HIS B 19 10.01 1.99 11.61
CA HIS B 19 11.21 1.79 10.81
C HIS B 19 10.89 0.74 9.75
N VAL B 20 11.34 0.95 8.53
CA VAL B 20 11.23 -0.05 7.44
C VAL B 20 12.64 -0.63 7.24
N VAL B 21 12.76 -1.95 7.21
CA VAL B 21 14.06 -2.57 6.96
C VAL B 21 13.96 -3.42 5.68
N LEU B 22 14.77 -3.11 4.67
CA LEU B 22 14.73 -3.86 3.43
C LEU B 22 15.93 -4.76 3.34
N PHE B 23 15.67 -6.05 3.20
CA PHE B 23 16.77 -7.01 3.03
C PHE B 23 17.14 -7.16 1.56
N GLN B 24 18.35 -6.72 1.19
CA GLN B 24 18.89 -6.79 -0.19
C GLN B 24 17.87 -6.43 -1.28
N PRO B 25 17.26 -5.22 -1.24
CA PRO B 25 16.21 -4.82 -2.19
C PRO B 25 16.75 -4.94 -3.60
N GLN B 26 15.94 -5.41 -4.54
CA GLN B 26 16.44 -5.80 -5.84
C GLN B 26 15.95 -4.94 -6.98
N ILE B 27 14.80 -4.28 -6.81
CA ILE B 27 14.17 -3.49 -7.88
C ILE B 27 14.24 -2.01 -7.56
N PRO B 28 14.92 -1.20 -8.41
CA PRO B 28 15.04 0.23 -8.12
C PRO B 28 13.68 0.93 -7.91
N ALA B 29 12.69 0.67 -8.78
CA ALA B 29 11.41 1.39 -8.64
C ALA B 29 10.74 1.10 -7.28
N ASN B 30 10.86 -0.13 -6.78
CA ASN B 30 10.34 -0.46 -5.43
C ASN B 30 11.02 0.38 -4.35
N THR B 31 12.35 0.47 -4.41
CA THR B 31 13.08 1.22 -3.38
C THR B 31 12.77 2.71 -3.45
N GLY B 32 12.64 3.26 -4.65
CA GLY B 32 12.22 4.66 -4.80
C GLY B 32 10.84 4.99 -4.28
N ASN B 33 9.91 4.06 -4.47
CA ASN B 33 8.59 4.23 -3.88
C ASN B 33 8.60 4.13 -2.37
N ILE B 34 9.41 3.21 -1.84
CA ILE B 34 9.53 3.02 -0.39
C ILE B 34 10.13 4.29 0.28
N ALA B 35 11.16 4.85 -0.35
CA ALA B 35 11.74 6.09 0.11
C ALA B 35 10.69 7.18 0.18
N ARG B 36 9.84 7.27 -0.84
CA ARG B 36 8.74 8.25 -0.84
C ARG B 36 7.75 8.06 0.30
N THR B 37 7.28 6.82 0.47
CA THR B 37 6.44 6.48 1.61
C THR B 37 7.12 6.85 2.94
N CYS B 38 8.39 6.49 3.11
CA CYS B 38 9.08 6.84 4.34
C CYS B 38 9.11 8.36 4.59
N ALA B 39 9.39 9.13 3.54
CA ALA B 39 9.47 10.59 3.65
C ALA B 39 8.12 11.13 4.01
N ALA B 40 7.04 10.52 3.50
CA ALA B 40 5.66 11.01 3.76
C ALA B 40 5.20 10.74 5.17
N THR B 41 5.81 9.71 5.77
CA THR B 41 5.32 9.17 7.04
C THR B 41 6.27 9.35 8.25
N ASN B 42 7.44 10.00 8.03
CA ASN B 42 8.43 10.13 9.10
C ASN B 42 8.92 8.76 9.55
N THR B 43 9.00 7.83 8.60
CA THR B 43 9.44 6.47 8.87
C THR B 43 10.94 6.43 8.53
N SER B 44 11.76 5.83 9.40
CA SER B 44 13.19 5.65 9.09
C SER B 44 13.36 4.47 8.15
N LEU B 45 14.38 4.52 7.30
CA LEU B 45 14.62 3.48 6.34
C LEU B 45 16.00 2.82 6.57
N HIS B 46 16.01 1.49 6.59
CA HIS B 46 17.22 0.70 6.88
C HIS B 46 17.37 -0.32 5.78
N ILE B 47 18.59 -0.45 5.25
CA ILE B 47 18.85 -1.29 4.10
C ILE B 47 20.01 -2.24 4.40
N ILE B 48 19.76 -3.52 4.25
CA ILE B 48 20.82 -4.54 4.37
C ILE B 48 21.48 -4.75 3.02
N ARG B 49 22.79 -4.50 2.95
CA ARG B 49 23.57 -4.59 1.72
C ARG B 49 23.79 -6.10 1.41
N PRO B 50 24.04 -6.45 0.14
CA PRO B 50 23.97 -5.51 -0.97
C PRO B 50 22.62 -5.38 -1.67
N MET B 51 22.36 -4.19 -2.17
CA MET B 51 21.22 -3.98 -3.02
C MET B 51 21.44 -4.66 -4.40
N GLY B 52 20.36 -4.98 -5.09
CA GLY B 52 20.45 -5.64 -6.36
C GLY B 52 20.69 -4.71 -7.54
N PHE B 53 20.83 -3.41 -7.27
CA PHE B 53 20.92 -2.42 -8.33
C PHE B 53 21.91 -1.29 -7.99
N PRO B 54 22.56 -0.69 -9.00
CA PRO B 54 23.48 0.44 -8.77
C PRO B 54 22.73 1.71 -8.36
N ILE B 55 23.37 2.52 -7.50
CA ILE B 55 22.79 3.81 -7.09
C ILE B 55 23.22 4.80 -8.15
N ASP B 56 22.25 5.30 -8.90
CA ASP B 56 22.55 6.19 -10.02
C ASP B 56 22.05 7.58 -9.67
N ASP B 57 22.97 8.49 -9.38
CA ASP B 57 22.60 9.81 -8.88
C ASP B 57 21.75 10.66 -9.84
N LYS B 58 22.13 10.72 -11.14
CA LYS B 58 21.27 11.41 -12.12
C LYS B 58 19.83 10.85 -12.20
N LYS B 59 19.68 9.53 -12.04
CA LYS B 59 18.35 8.92 -11.93
C LYS B 59 17.75 9.17 -10.54
N MET B 60 18.57 9.72 -9.65
CA MET B 60 18.12 10.32 -8.38
C MET B 60 17.81 9.24 -7.35
N LEU B 71 15.19 12.55 4.77
CA LEU B 71 14.98 11.10 4.90
C LEU B 71 16.10 10.48 5.73
N ASP B 72 15.69 9.80 6.80
CA ASP B 72 16.60 9.16 7.71
C ASP B 72 16.97 7.71 7.27
N VAL B 73 18.12 7.54 6.58
CA VAL B 73 18.47 6.25 5.97
C VAL B 73 19.74 5.65 6.54
N HIS B 74 19.73 4.34 6.76
CA HIS B 74 20.86 3.64 7.39
C HIS B 74 21.19 2.40 6.57
N PHE B 75 22.46 2.06 6.43
CA PHE B 75 22.87 0.89 5.69
C PHE B 75 23.59 -0.09 6.63
N TYR B 76 23.50 -1.38 6.33
CA TYR B 76 24.07 -2.47 7.16
C TYR B 76 24.72 -3.49 6.24
N ASP B 77 25.93 -4.00 6.70
CA ASP B 77 26.62 -5.07 5.98
C ASP B 77 25.82 -6.38 5.93
N SER B 78 24.92 -6.58 6.89
CA SER B 78 24.26 -7.87 7.03
C SER B 78 23.14 -7.77 8.03
N LEU B 79 22.27 -8.77 8.04
CA LEU B 79 21.17 -8.86 9.01
C LEU B 79 21.70 -8.86 10.44
N ASN B 80 22.78 -9.61 10.64
CA ASN B 80 23.48 -9.64 11.91
C ASN B 80 23.91 -8.26 12.41
N ASP B 81 24.46 -7.42 11.53
CA ASP B 81 24.88 -6.09 11.98
C ASP B 81 23.67 -5.24 12.33
N PHE B 82 22.59 -5.37 11.54
CA PHE B 82 21.34 -4.68 11.84
C PHE B 82 20.78 -5.15 13.22
N MET B 83 20.82 -6.46 13.46
CA MET B 83 20.33 -7.02 14.72
C MET B 83 21.11 -6.61 15.97
N ASN B 84 22.41 -6.30 15.82
CA ASN B 84 23.24 -5.77 16.93
C ASN B 84 22.90 -4.32 17.26
N ILE B 85 22.37 -3.62 16.28
CA ILE B 85 22.02 -2.21 16.45
C ILE B 85 20.50 -2.00 16.66
N CYS B 86 19.65 -2.97 16.25
CA CYS B 86 18.15 -2.93 16.38
C CYS B 86 17.74 -2.92 17.84
N SER B 87 16.91 -1.96 18.20
CA SER B 87 16.36 -1.93 19.53
C SER B 87 14.88 -1.60 19.51
N GLY B 88 14.05 -2.55 19.91
CA GLY B 88 12.62 -2.34 19.98
C GLY B 88 11.90 -3.61 19.59
N LYS B 89 10.75 -3.46 18.93
CA LYS B 89 10.00 -4.64 18.47
C LYS B 89 10.27 -4.90 17.01
N LEU B 90 10.64 -6.13 16.69
CA LEU B 90 10.88 -6.48 15.30
C LEU B 90 9.71 -7.30 14.74
N HIS B 91 9.27 -6.97 13.53
CA HIS B 91 8.19 -7.73 12.83
C HIS B 91 8.68 -8.19 11.46
N LEU B 92 8.59 -9.48 11.18
CA LEU B 92 9.05 -10.00 9.92
C LEU B 92 7.83 -10.09 9.03
N ILE B 93 7.87 -9.48 7.86
CA ILE B 93 6.73 -9.58 6.97
C ILE B 93 6.95 -10.72 6.00
N THR B 94 6.14 -11.79 6.11
CA THR B 94 6.36 -12.98 5.30
C THR B 94 5.05 -13.57 4.77
N LYS B 95 5.14 -14.51 3.85
CA LYS B 95 3.95 -15.08 3.21
C LYS B 95 3.26 -16.07 4.11
N PHE B 96 4.02 -16.73 4.98
CA PHE B 96 3.47 -17.90 5.62
C PHE B 96 3.33 -17.80 7.14
N ALA B 97 3.41 -16.58 7.66
CA ALA B 97 3.25 -16.39 9.10
C ALA B 97 1.84 -16.76 9.51
N ASN B 98 1.68 -17.36 10.70
CA ASN B 98 0.37 -17.67 11.27
C ASN B 98 -0.20 -16.51 12.10
N LYS B 99 -0.02 -15.27 11.64
CA LYS B 99 -0.62 -14.09 12.30
C LYS B 99 -0.77 -13.02 11.23
N THR B 100 -1.87 -12.29 11.31
CA THR B 100 -2.20 -11.25 10.34
C THR B 100 -1.65 -9.89 10.81
N TYR B 101 -1.06 -9.13 9.88
CA TYR B 101 -0.33 -7.88 10.16
C TYR B 101 -1.20 -6.96 11.03
N SER B 102 -2.51 -6.91 10.77
CA SER B 102 -3.41 -5.99 11.46
C SER B 102 -3.85 -6.48 12.84
N ASP B 103 -3.55 -7.74 13.16
CA ASP B 103 -3.84 -8.23 14.53
C ASP B 103 -2.72 -8.05 15.55
N GLU B 104 -1.52 -7.70 15.08
CA GLU B 104 -0.42 -7.23 15.96
C GLU B 104 -0.79 -5.86 16.53
N ASN B 105 -0.39 -5.60 17.79
CA ASN B 105 -0.67 -4.34 18.40
C ASN B 105 0.55 -3.42 18.27
N TYR B 106 0.37 -2.28 17.58
CA TYR B 106 1.44 -1.27 17.37
C TYR B 106 1.26 -0.01 18.26
N ASP B 107 0.20 -0.04 19.06
CA ASP B 107 -0.24 1.10 19.91
C ASP B 107 0.54 1.11 21.25
N ASP B 108 1.81 1.44 21.18
CA ASP B 108 2.62 1.49 22.38
C ASP B 108 3.68 2.58 22.12
N SER B 109 4.70 2.66 22.95
CA SER B 109 5.73 3.69 22.79
C SER B 109 7.03 3.10 22.28
N GLU B 110 6.96 1.87 21.78
CA GLU B 110 8.14 1.17 21.29
C GLU B 110 8.50 1.61 19.89
N HIS B 111 9.77 1.44 19.55
CA HIS B 111 10.20 1.39 18.17
C HIS B 111 9.68 0.11 17.52
N HIS B 112 9.10 0.26 16.33
CA HIS B 112 8.63 -0.91 15.58
C HIS B 112 9.42 -1.02 14.29
N TYR B 113 10.12 -2.15 14.12
CA TYR B 113 10.87 -2.39 12.89
C TYR B 113 10.16 -3.43 12.03
N PHE B 114 9.89 -3.09 10.78
CA PHE B 114 9.21 -3.96 9.84
C PHE B 114 10.22 -4.41 8.78
N LEU B 115 10.58 -5.69 8.82
CA LEU B 115 11.63 -6.27 7.96
C LEU B 115 10.97 -7.03 6.79
N PHE B 116 11.36 -6.68 5.57
CA PHE B 116 10.84 -7.22 4.31
C PHE B 116 11.93 -7.90 3.53
N GLY B 117 11.60 -9.07 2.98
CA GLY B 117 12.55 -9.84 2.20
C GLY B 117 12.77 -9.28 0.82
N ARG B 118 13.70 -9.92 0.09
CA ARG B 118 13.98 -9.64 -1.31
C ARG B 118 12.76 -9.96 -2.17
N GLU B 119 12.56 -9.19 -3.22
CA GLU B 119 11.43 -9.40 -4.14
C GLU B 119 11.43 -10.85 -4.70
N ASP B 120 12.62 -11.37 -4.94
CA ASP B 120 12.79 -12.65 -5.58
C ASP B 120 12.91 -13.85 -4.60
N LYS B 121 13.54 -13.64 -3.45
CA LYS B 121 13.91 -14.78 -2.57
C LYS B 121 13.37 -14.66 -1.16
N GLY B 122 12.75 -13.54 -0.79
CA GLY B 122 12.29 -13.37 0.61
C GLY B 122 13.45 -13.20 1.59
N LEU B 123 13.24 -13.64 2.82
CA LEU B 123 14.23 -13.54 3.89
C LEU B 123 14.96 -14.85 4.00
N PRO B 124 16.22 -14.85 4.49
CA PRO B 124 16.90 -16.13 4.66
C PRO B 124 16.12 -17.13 5.49
N GLU B 125 16.19 -18.35 5.01
CA GLU B 125 15.61 -19.56 5.57
C GLU B 125 15.77 -19.66 7.10
N GLU B 126 17.02 -19.61 7.56
CA GLU B 126 17.38 -19.80 8.98
C GLU B 126 16.96 -18.63 9.88
N PHE B 127 17.03 -17.42 9.33
CA PHE B 127 16.60 -16.23 10.06
C PHE B 127 15.10 -16.29 10.34
N MET B 128 14.33 -16.71 9.35
CA MET B 128 12.89 -16.78 9.49
C MET B 128 12.46 -17.77 10.57
N ARG B 129 13.17 -18.88 10.65
CA ARG B 129 12.91 -19.95 11.63
C ARG B 129 13.32 -19.47 13.01
N GLN B 130 14.46 -18.78 13.09
CA GLN B 130 14.92 -18.25 14.36
C GLN B 130 13.92 -17.20 14.90
N HIS B 131 13.31 -16.43 13.99
CA HIS B 131 12.41 -15.35 14.40
C HIS B 131 10.94 -15.57 14.01
N SER B 132 10.51 -16.83 13.95
CA SER B 132 9.19 -17.16 13.42
C SER B 132 8.05 -16.59 14.24
N GLU B 133 8.23 -16.49 15.55
CA GLU B 133 7.23 -15.84 16.40
C GLU B 133 7.06 -14.37 16.10
N LYS B 134 8.00 -13.79 15.34
CA LYS B 134 7.89 -12.35 15.02
C LYS B 134 7.22 -12.07 13.65
N ALA B 135 6.82 -13.14 12.95
CA ALA B 135 6.42 -13.01 11.55
C ALA B 135 4.95 -12.69 11.44
N LEU B 136 4.60 -11.86 10.48
CA LEU B 136 3.21 -11.47 10.21
C LEU B 136 2.99 -11.55 8.71
N ARG B 137 1.76 -11.92 8.28
CA ARG B 137 1.47 -11.91 6.84
C ARG B 137 0.39 -10.90 6.49
N ILE B 138 0.37 -10.57 5.21
CA ILE B 138 -0.77 -9.87 4.61
C ILE B 138 -1.58 -10.92 3.88
N PRO B 139 -2.77 -11.22 4.37
CA PRO B 139 -3.51 -12.26 3.68
C PRO B 139 -3.81 -11.94 2.21
N VAL B 140 -3.71 -12.96 1.36
CA VAL B 140 -4.08 -12.82 -0.04
C VAL B 140 -4.91 -14.01 -0.45
N ASN B 141 -5.66 -13.90 -1.51
CA ASN B 141 -6.25 -15.11 -2.07
C ASN B 141 -5.24 -15.55 -3.16
N ASP B 142 -4.61 -16.72 -3.02
CA ASP B 142 -3.51 -17.08 -3.97
C ASP B 142 -3.91 -17.71 -5.36
N GLN B 143 -5.19 -17.57 -5.72
CA GLN B 143 -5.73 -18.12 -6.98
C GLN B 143 -4.99 -17.65 -8.24
N HIS B 144 -4.66 -16.36 -8.30
CA HIS B 144 -4.08 -15.77 -9.56
C HIS B 144 -2.65 -15.27 -9.38
N VAL B 145 -2.38 -14.61 -8.24
CA VAL B 145 -1.02 -14.20 -7.82
C VAL B 145 -0.73 -14.72 -6.41
N ARG B 146 0.55 -14.95 -6.09
CA ARG B 146 0.96 -15.40 -4.75
C ARG B 146 1.41 -14.30 -3.83
N SER B 147 1.64 -13.11 -4.40
CA SER B 147 2.15 -12.00 -3.59
C SER B 147 1.72 -10.62 -4.11
N LEU B 148 1.84 -9.63 -3.24
CA LEU B 148 1.66 -8.26 -3.60
C LEU B 148 3.05 -7.63 -3.91
N ASN B 149 3.06 -6.56 -4.67
CA ASN B 149 4.29 -5.79 -4.93
C ASN B 149 4.89 -5.30 -3.58
N LEU B 150 6.21 -5.35 -3.50
CA LEU B 150 6.92 -5.03 -2.27
C LEU B 150 6.63 -3.61 -1.79
N SER B 151 6.70 -2.63 -2.68
CA SER B 151 6.48 -1.28 -2.18
C SER B 151 5.02 -1.08 -1.71
N ASN B 152 4.07 -1.75 -2.35
CA ASN B 152 2.68 -1.70 -1.92
C ASN B 152 2.61 -2.28 -0.53
N THR B 153 3.31 -3.40 -0.26
CA THR B 153 3.26 -4.00 1.09
C THR B 153 3.87 -3.09 2.15
N VAL B 154 4.94 -2.39 1.81
CA VAL B 154 5.56 -1.48 2.81
C VAL B 154 4.58 -0.39 3.18
N CYS B 155 3.96 0.21 2.16
CA CYS B 155 3.10 1.33 2.42
C CYS B 155 1.93 0.90 3.33
N MET B 156 1.27 -0.23 3.00
CA MET B 156 0.15 -0.62 3.85
C MET B 156 0.56 -1.03 5.31
N ILE B 157 1.70 -1.70 5.45
CA ILE B 157 2.19 -2.11 6.76
C ILE B 157 2.52 -0.86 7.61
N VAL B 158 3.18 0.13 7.02
CA VAL B 158 3.49 1.36 7.73
C VAL B 158 2.18 2.06 8.13
N TYR B 159 1.20 2.14 7.22
CA TYR B 159 -0.03 2.86 7.55
C TYR B 159 -0.94 2.13 8.53
N GLU B 160 -0.85 0.80 8.53
CA GLU B 160 -1.55 0.05 9.59
C GLU B 160 -0.96 0.35 10.98
N ALA B 161 0.39 0.38 11.08
CA ALA B 161 1.00 0.85 12.34
C ALA B 161 0.53 2.29 12.68
N LEU B 162 0.60 3.22 11.71
CA LEU B 162 0.14 4.59 11.97
C LEU B 162 -1.29 4.66 12.41
N ARG B 163 -2.13 3.85 11.75
CA ARG B 163 -3.52 3.84 12.12
C ARG B 163 -3.70 3.50 13.62
N GLN B 164 -3.07 2.42 14.05
CA GLN B 164 -3.18 2.02 15.44
C GLN B 164 -2.56 3.08 16.38
N GLN B 165 -1.54 3.78 15.89
CA GLN B 165 -0.87 4.84 16.68
C GLN B 165 -1.55 6.22 16.56
N ASP B 166 -2.75 6.26 15.96
CA ASP B 166 -3.49 7.54 15.87
C ASP B 166 -2.77 8.56 15.00
N PHE B 167 -1.97 8.06 14.04
CA PHE B 167 -1.18 8.87 13.12
C PHE B 167 -0.19 9.81 13.82
N ILE B 168 0.17 9.52 15.08
CA ILE B 168 0.98 10.52 15.81
C ILE B 168 2.34 10.78 15.12
N GLY B 169 2.93 9.75 14.47
CA GLY B 169 4.29 9.94 13.88
C GLY B 169 4.33 11.03 12.81
N LEU B 170 3.17 11.29 12.19
CA LEU B 170 3.06 12.39 11.20
C LEU B 170 3.34 13.75 11.78
N GLU B 171 3.10 13.90 13.10
CA GLU B 171 3.19 15.20 13.76
C GLU B 171 4.54 15.45 14.37
N LEU B 172 5.43 14.47 14.37
CA LEU B 172 6.65 14.57 15.16
C LEU B 172 7.94 14.62 14.30
N SER B 173 7.92 15.29 13.13
CA SER B 173 9.12 15.46 12.27
C SER B 173 10.33 16.09 13.01
N HIS B 174 10.10 17.25 13.63
CA HIS B 174 11.15 17.97 14.31
C HIS B 174 11.64 17.20 15.53
N THR B 175 10.71 16.58 16.25
CA THR B 175 11.03 15.90 17.52
C THR B 175 11.93 14.66 17.25
N TYR B 176 11.55 13.87 16.25
CA TYR B 176 12.38 12.76 15.76
C TYR B 176 13.76 13.21 15.27
N ALA B 177 13.80 14.33 14.53
CA ALA B 177 15.06 14.93 14.04
C ALA B 177 16.10 15.26 15.12
#